data_3S1B
#
_entry.id   3S1B
#
_cell.length_a   70.940
_cell.length_b   70.940
_cell.length_c   161.288
_cell.angle_alpha   90.000
_cell.angle_beta   90.000
_cell.angle_gamma   120.000
#
_symmetry.space_group_name_H-M   'P 65 2 2'
#
loop_
_entity.id
_entity.type
_entity.pdbx_description
1 polymer 'Vascular endothelial growth factor A'
2 polymer mini-Z
#
loop_
_entity_poly.entity_id
_entity_poly.type
_entity_poly.pdbx_seq_one_letter_code
_entity_poly.pdbx_strand_id
1 'polypeptide(L)'
;HEVVKFMDVYQRSYCHPIETLVDIFQEYPDEIEYIFKPSCVPLMRCGGCCNDEGLECVPTEESNITMQIMRIKPHQGQHI
GEMSFLQHNKCECRPK
;
V
2 'polypeptide(L)' FNKECLLRYKEAALDPNLNLYQRIAKIVSIDDDC A
#
# COMPACT_ATOMS: atom_id res chain seq x y z
N HIS A 1 35.78 -6.52 1.17
CA HIS A 1 35.05 -7.73 0.65
C HIS A 1 33.55 -7.53 0.65
N GLU A 2 33.01 -7.20 1.83
CA GLU A 2 31.56 -7.09 2.03
C GLU A 2 31.02 -5.71 1.65
N VAL A 3 31.45 -5.20 0.50
CA VAL A 3 30.99 -3.91 -0.01
C VAL A 3 30.41 -4.10 -1.41
N VAL A 4 29.34 -3.39 -1.72
CA VAL A 4 28.66 -3.58 -3.00
C VAL A 4 29.45 -2.90 -4.11
N LYS A 5 29.83 -3.67 -5.14
CA LYS A 5 30.69 -3.17 -6.20
C LYS A 5 29.95 -2.15 -7.05
N PHE A 6 30.70 -1.22 -7.63
CA PHE A 6 30.11 -0.15 -8.42
C PHE A 6 29.12 -0.66 -9.47
N MET A 7 29.54 -1.65 -10.24
CA MET A 7 28.71 -2.14 -11.35
C MET A 7 27.40 -2.74 -10.83
N ASP A 8 27.48 -3.46 -9.72
CA ASP A 8 26.30 -4.01 -9.06
C ASP A 8 25.40 -2.87 -8.57
N VAL A 9 25.96 -1.92 -7.83
CA VAL A 9 25.19 -0.81 -7.28
C VAL A 9 24.53 0.02 -8.37
N TYR A 10 25.33 0.40 -9.36
CA TYR A 10 24.87 1.28 -10.43
C TYR A 10 23.68 0.69 -11.18
N GLN A 11 23.71 -0.62 -11.41
CA GLN A 11 22.63 -1.31 -12.11
C GLN A 11 21.35 -1.35 -11.28
N ARG A 12 21.49 -1.70 -10.01
CA ARG A 12 20.32 -1.84 -9.14
C ARG A 12 19.62 -0.52 -8.83
N SER A 13 20.37 0.57 -8.78
CA SER A 13 19.77 1.89 -8.49
C SER A 13 19.25 2.60 -9.74
N TYR A 14 19.63 2.13 -10.92
CA TYR A 14 19.23 2.80 -12.15
C TYR A 14 17.75 2.60 -12.41
N CYS A 15 17.13 3.69 -12.88
CA CYS A 15 15.70 3.75 -13.25
C CYS A 15 15.06 2.43 -13.75
N HIS A 16 14.11 1.91 -12.97
CA HIS A 16 13.39 0.67 -13.29
C HIS A 16 12.11 0.58 -12.44
N PRO A 17 11.19 -0.32 -12.80
CA PRO A 17 9.99 -0.48 -11.98
C PRO A 17 10.31 -1.16 -10.65
N ILE A 18 10.02 -0.48 -9.55
CA ILE A 18 10.31 -0.98 -8.23
C ILE A 18 9.01 -1.09 -7.43
N GLU A 19 8.91 -2.14 -6.60
CA GLU A 19 7.75 -2.28 -5.70
C GLU A 19 7.70 -1.09 -4.73
N THR A 20 6.75 -0.20 -4.99
CA THR A 20 6.56 1.00 -4.19
C THR A 20 5.26 0.86 -3.41
N LEU A 21 5.24 1.36 -2.19
CA LEU A 21 4.02 1.34 -1.39
C LEU A 21 3.26 2.65 -1.57
N VAL A 22 2.11 2.57 -2.23
CA VAL A 22 1.32 3.77 -2.55
C VAL A 22 0.07 3.85 -1.66
N ASP A 23 -0.20 5.06 -1.17
CA ASP A 23 -1.36 5.33 -0.32
C ASP A 23 -2.62 5.38 -1.18
N ILE A 24 -3.68 4.73 -0.70
CA ILE A 24 -4.91 4.56 -1.48
C ILE A 24 -5.69 5.86 -1.59
N PHE A 25 -5.80 6.60 -0.49
CA PHE A 25 -6.51 7.89 -0.48
C PHE A 25 -5.82 8.92 -1.39
N GLN A 26 -4.51 8.81 -1.49
CA GLN A 26 -3.71 9.64 -2.39
C GLN A 26 -3.96 9.30 -3.87
N GLU A 27 -4.42 8.09 -4.14
CA GLU A 27 -4.76 7.65 -5.51
C GLU A 27 -6.28 7.74 -5.77
N TYR A 28 -7.08 7.62 -4.72
CA TYR A 28 -8.53 7.78 -4.79
C TYR A 28 -8.91 8.96 -3.91
N PRO A 29 -8.55 10.19 -4.33
CA PRO A 29 -8.76 11.39 -3.49
C PRO A 29 -10.22 11.83 -3.35
N ASP A 30 -11.10 11.31 -4.19
CA ASP A 30 -12.51 11.67 -4.16
C ASP A 30 -13.26 10.93 -3.06
N GLU A 31 -12.72 9.81 -2.61
CA GLU A 31 -13.40 8.97 -1.62
C GLU A 31 -13.12 9.46 -0.21
N ILE A 32 -13.85 10.49 0.18
CA ILE A 32 -13.57 11.23 1.42
C ILE A 32 -14.15 10.57 2.69
N GLU A 33 -15.28 9.87 2.55
CA GLU A 33 -15.96 9.25 3.71
C GLU A 33 -15.63 7.75 3.85
N TYR A 34 -14.37 7.41 3.58
CA TYR A 34 -13.90 6.03 3.62
C TYR A 34 -12.48 5.97 4.20
N ILE A 35 -12.29 5.13 5.21
CA ILE A 35 -10.97 4.70 5.63
C ILE A 35 -10.73 3.34 5.00
N PHE A 36 -9.48 3.07 4.61
CA PHE A 36 -9.16 1.81 3.95
C PHE A 36 -8.20 1.00 4.77
N LYS A 37 -8.35 -0.32 4.64
CA LYS A 37 -7.47 -1.25 5.30
C LYS A 37 -7.18 -2.36 4.28
N PRO A 38 -5.91 -2.53 3.88
CA PRO A 38 -4.76 -1.70 4.23
C PRO A 38 -4.88 -0.29 3.66
N SER A 39 -4.29 0.69 4.34
CA SER A 39 -4.40 2.08 3.91
C SER A 39 -3.48 2.39 2.73
N CYS A 40 -2.55 1.48 2.44
CA CYS A 40 -1.69 1.61 1.27
C CYS A 40 -1.52 0.26 0.61
N VAL A 41 -0.99 0.28 -0.61
CA VAL A 41 -0.84 -0.95 -1.37
C VAL A 41 0.52 -1.00 -2.04
N PRO A 42 1.03 -2.22 -2.29
CA PRO A 42 2.29 -2.37 -2.98
C PRO A 42 2.09 -2.36 -4.49
N LEU A 43 2.69 -1.36 -5.15
CA LEU A 43 2.56 -1.20 -6.59
C LEU A 43 3.92 -1.11 -7.25
N MET A 44 4.02 -1.66 -8.46
CA MET A 44 5.20 -1.51 -9.28
C MET A 44 5.16 -0.14 -9.94
N ARG A 45 6.06 0.73 -9.50
CA ARG A 45 6.15 2.09 -9.97
C ARG A 45 7.59 2.42 -10.27
N CYS A 46 7.81 3.39 -11.15
CA CYS A 46 9.16 3.80 -11.52
C CYS A 46 9.88 4.42 -10.34
N GLY A 47 11.17 4.18 -10.30
CA GLY A 47 12.04 4.71 -9.26
C GLY A 47 13.46 4.47 -9.69
N GLY A 48 14.37 5.27 -9.13
CA GLY A 48 15.76 5.19 -9.50
C GLY A 48 16.19 6.47 -10.21
N CYS A 49 17.47 6.55 -10.50
CA CYS A 49 18.06 7.75 -11.04
C CYS A 49 18.43 7.53 -12.49
N CYS A 50 18.60 8.63 -13.21
CA CYS A 50 19.12 8.62 -14.58
C CYS A 50 20.58 9.03 -14.63
N ASN A 51 21.12 9.46 -13.49
CA ASN A 51 22.52 9.87 -13.37
C ASN A 51 22.85 11.01 -14.33
N ASP A 52 21.94 11.97 -14.38
CA ASP A 52 22.09 13.17 -15.16
C ASP A 52 20.93 14.09 -14.84
N GLU A 53 21.22 15.37 -14.65
CA GLU A 53 20.20 16.35 -14.27
C GLU A 53 19.29 16.72 -15.44
N GLY A 54 19.74 16.46 -16.67
CA GLY A 54 18.92 16.67 -17.85
C GLY A 54 17.90 15.57 -18.14
N LEU A 55 17.94 14.49 -17.36
CA LEU A 55 17.07 13.32 -17.56
C LEU A 55 16.21 13.03 -16.34
N GLU A 56 15.04 12.46 -16.59
CA GLU A 56 14.15 12.00 -15.51
C GLU A 56 13.56 10.64 -15.87
N CYS A 57 13.29 9.86 -14.83
CA CYS A 57 12.75 8.50 -14.97
C CYS A 57 11.24 8.58 -15.12
N VAL A 58 10.71 8.08 -16.25
CA VAL A 58 9.26 8.10 -16.53
C VAL A 58 8.74 6.73 -16.99
N PRO A 59 7.44 6.46 -16.75
CA PRO A 59 6.84 5.21 -17.23
C PRO A 59 6.50 5.30 -18.70
N THR A 60 6.77 4.22 -19.44
CA THR A 60 6.41 4.14 -20.86
C THR A 60 5.30 3.13 -21.11
N GLU A 61 5.04 2.26 -20.15
CA GLU A 61 4.01 1.24 -20.30
C GLU A 61 3.36 0.98 -18.95
N GLU A 62 2.03 1.10 -18.91
CA GLU A 62 1.26 0.94 -17.70
C GLU A 62 0.23 -0.14 -17.89
N SER A 63 -0.07 -0.85 -16.82
CA SER A 63 -1.17 -1.80 -16.78
C SER A 63 -1.89 -1.66 -15.46
N ASN A 64 -2.99 -2.40 -15.30
CA ASN A 64 -3.81 -2.34 -14.09
C ASN A 64 -3.63 -3.56 -13.19
N ILE A 65 -3.97 -3.37 -11.93
CA ILE A 65 -4.02 -4.45 -10.96
C ILE A 65 -5.15 -4.17 -9.98
N THR A 66 -5.87 -5.22 -9.60
CA THR A 66 -7.03 -5.09 -8.74
C THR A 66 -6.81 -5.87 -7.47
N MET A 67 -7.18 -5.25 -6.35
CA MET A 67 -6.92 -5.82 -5.04
C MET A 67 -8.16 -5.68 -4.19
N GLN A 68 -8.34 -6.61 -3.25
CA GLN A 68 -9.47 -6.58 -2.34
C GLN A 68 -9.12 -5.74 -1.12
N ILE A 69 -9.62 -4.51 -1.09
CA ILE A 69 -9.41 -3.61 0.04
C ILE A 69 -10.65 -3.55 0.91
N MET A 70 -10.44 -3.49 2.22
CA MET A 70 -11.53 -3.28 3.16
C MET A 70 -11.90 -1.80 3.11
N ARG A 71 -13.18 -1.52 2.89
CA ARG A 71 -13.65 -0.14 2.78
C ARG A 71 -14.48 0.19 4.01
N ILE A 72 -13.90 0.98 4.91
CA ILE A 72 -14.49 1.23 6.24
C ILE A 72 -15.19 2.58 6.27
N LYS A 73 -16.45 2.56 6.69
CA LYS A 73 -17.27 3.75 6.83
C LYS A 73 -17.46 3.95 8.35
N PRO A 74 -16.72 4.91 8.94
CA PRO A 74 -16.64 5.04 10.41
C PRO A 74 -17.99 5.00 11.12
N HIS A 75 -18.11 4.09 12.10
CA HIS A 75 -19.32 3.91 12.91
C HIS A 75 -20.53 3.41 12.12
N GLN A 76 -20.31 2.94 10.89
CA GLN A 76 -21.39 2.47 10.01
C GLN A 76 -21.06 1.16 9.30
N GLY A 77 -20.03 0.45 9.74
CA GLY A 77 -19.70 -0.86 9.17
C GLY A 77 -18.62 -0.85 8.09
N GLN A 78 -18.47 -2.01 7.46
CA GLN A 78 -17.32 -2.28 6.61
C GLN A 78 -17.64 -3.38 5.60
N HIS A 79 -17.01 -3.30 4.42
CA HIS A 79 -17.09 -4.39 3.46
C HIS A 79 -15.83 -4.45 2.60
N ILE A 80 -15.47 -5.65 2.16
CA ILE A 80 -14.36 -5.86 1.24
C ILE A 80 -14.83 -5.60 -0.18
N GLY A 81 -14.16 -4.69 -0.87
CA GLY A 81 -14.46 -4.39 -2.27
C GLY A 81 -13.21 -4.40 -3.12
N GLU A 82 -13.38 -4.67 -4.41
CA GLU A 82 -12.29 -4.56 -5.36
C GLU A 82 -11.98 -3.08 -5.62
N MET A 83 -10.70 -2.78 -5.78
CA MET A 83 -10.24 -1.45 -6.18
C MET A 83 -9.07 -1.64 -7.12
N SER A 84 -8.96 -0.76 -8.10
CA SER A 84 -8.01 -0.94 -9.19
C SER A 84 -6.97 0.17 -9.21
N PHE A 85 -5.73 -0.20 -9.51
CA PHE A 85 -4.60 0.72 -9.44
C PHE A 85 -3.72 0.59 -10.65
N LEU A 86 -3.01 1.67 -10.97
CA LEU A 86 -2.12 1.70 -12.11
C LEU A 86 -0.74 1.22 -11.71
N GLN A 87 -0.18 0.32 -12.51
CA GLN A 87 1.18 -0.16 -12.31
C GLN A 87 2.02 0.19 -13.50
N HIS A 88 3.28 0.53 -13.24
CA HIS A 88 4.23 0.85 -14.30
C HIS A 88 4.96 -0.42 -14.69
N ASN A 89 4.84 -0.83 -15.95
CA ASN A 89 5.49 -2.03 -16.44
C ASN A 89 6.89 -1.76 -16.96
N LYS A 90 7.11 -0.56 -17.52
CA LYS A 90 8.40 -0.22 -18.13
C LYS A 90 8.74 1.23 -17.87
N CYS A 91 10.01 1.49 -17.56
CA CYS A 91 10.50 2.85 -17.33
C CYS A 91 11.62 3.17 -18.30
N GLU A 92 11.65 4.42 -18.76
CA GLU A 92 12.74 4.94 -19.58
C GLU A 92 13.33 6.17 -18.91
N CYS A 93 14.62 6.42 -19.14
CA CYS A 93 15.20 7.73 -18.82
C CYS A 93 15.08 8.63 -20.04
N ARG A 94 14.39 9.74 -19.88
CA ARG A 94 14.17 10.66 -20.97
C ARG A 94 14.41 12.08 -20.49
N PRO A 95 14.71 13.00 -21.43
CA PRO A 95 14.99 14.39 -21.10
C PRO A 95 13.91 15.08 -20.29
N LYS A 96 14.30 15.94 -19.34
CA LYS A 96 13.36 16.77 -18.60
C LYS A 96 12.80 17.86 -19.50
N PHE B 1 -15.95 0.81 31.38
CA PHE B 1 -15.70 1.16 29.98
C PHE B 1 -14.23 1.46 29.85
N ASN B 2 -13.70 1.36 28.65
CA ASN B 2 -12.31 1.57 28.50
C ASN B 2 -11.64 0.34 28.99
N LYS B 3 -11.89 -0.01 30.23
CA LYS B 3 -11.30 -1.21 30.75
C LYS B 3 -11.82 -2.28 29.84
N GLU B 4 -13.09 -2.17 29.49
CA GLU B 4 -13.72 -3.10 28.58
C GLU B 4 -13.11 -3.04 27.21
N CYS B 5 -12.77 -1.85 26.76
CA CYS B 5 -12.19 -1.68 25.45
C CYS B 5 -10.83 -2.34 25.30
N LEU B 6 -10.02 -2.24 26.33
CA LEU B 6 -8.71 -2.86 26.30
C LEU B 6 -8.86 -4.34 26.21
N LEU B 7 -9.80 -4.87 26.96
CA LEU B 7 -10.04 -6.29 27.01
C LEU B 7 -10.47 -6.81 25.68
N ARG B 8 -11.27 -6.01 25.00
CA ARG B 8 -11.76 -6.36 23.69
C ARG B 8 -10.63 -6.43 22.69
N TYR B 9 -9.75 -5.45 22.74
CA TYR B 9 -8.60 -5.45 21.86
C TYR B 9 -7.71 -6.61 22.22
N LYS B 10 -7.54 -6.84 23.51
CA LYS B 10 -6.65 -7.89 23.95
C LYS B 10 -7.09 -9.25 23.49
N GLU B 11 -8.37 -9.52 23.57
CA GLU B 11 -8.91 -10.78 23.13
C GLU B 11 -8.72 -10.93 21.64
N ALA B 12 -8.77 -9.85 20.90
CA ALA B 12 -8.64 -9.96 19.47
C ALA B 12 -7.30 -10.55 19.12
N ALA B 13 -6.27 -10.08 19.79
CA ALA B 13 -4.93 -10.59 19.64
C ALA B 13 -4.82 -11.99 20.17
N LEU B 14 -5.46 -12.23 21.29
CA LEU B 14 -5.43 -13.50 21.98
C LEU B 14 -6.06 -14.68 21.26
N ASP B 15 -7.06 -14.44 20.43
CA ASP B 15 -7.75 -15.53 19.76
C ASP B 15 -6.95 -16.16 18.64
N PRO B 16 -6.77 -17.47 18.74
CA PRO B 16 -6.03 -18.25 17.75
C PRO B 16 -6.87 -18.80 16.59
N ASN B 17 -8.19 -18.64 16.64
CA ASN B 17 -9.09 -19.21 15.63
C ASN B 17 -9.54 -18.21 14.57
N LEU B 18 -9.22 -16.93 14.72
CA LEU B 18 -9.63 -15.84 13.81
C LEU B 18 -8.41 -15.99 12.84
N ASN B 19 -8.60 -15.66 11.60
CA ASN B 19 -7.51 -15.80 10.65
C ASN B 19 -7.33 -14.31 10.45
N LEU B 20 -6.54 -13.90 9.46
CA LEU B 20 -6.29 -12.48 9.34
C LEU B 20 -7.53 -11.67 9.06
N TYR B 21 -8.36 -12.12 8.14
CA TYR B 21 -9.55 -11.37 7.88
C TYR B 21 -10.44 -11.36 9.08
N GLN B 22 -10.61 -12.48 9.77
CA GLN B 22 -11.53 -12.41 10.87
C GLN B 22 -11.03 -11.45 11.90
N ARG B 23 -9.72 -11.49 12.15
CA ARG B 23 -9.11 -10.62 13.12
C ARG B 23 -9.13 -9.16 12.79
N ILE B 24 -8.84 -8.80 11.54
CA ILE B 24 -8.83 -7.40 11.18
C ILE B 24 -10.20 -6.82 11.30
N ALA B 25 -11.17 -7.60 10.88
CA ALA B 25 -12.56 -7.20 10.92
C ALA B 25 -13.10 -6.94 12.31
N LYS B 26 -12.76 -7.78 13.25
CA LYS B 26 -13.20 -7.60 14.62
C LYS B 26 -12.62 -6.35 15.24
N ILE B 27 -11.42 -6.01 14.85
CA ILE B 27 -10.80 -4.79 15.33
C ILE B 27 -11.63 -3.61 14.90
N VAL B 28 -12.09 -3.65 13.67
CA VAL B 28 -12.88 -2.57 13.15
C VAL B 28 -14.12 -2.41 13.99
N SER B 29 -14.71 -3.51 14.42
CA SER B 29 -15.88 -3.42 15.27
C SER B 29 -15.56 -2.76 16.58
N ILE B 30 -14.43 -3.12 17.19
CA ILE B 30 -14.07 -2.55 18.47
C ILE B 30 -13.90 -1.07 18.29
N ASP B 31 -13.37 -0.67 17.15
CA ASP B 31 -13.19 0.75 16.87
C ASP B 31 -14.50 1.51 16.80
N ASP B 32 -15.50 0.94 16.14
CA ASP B 32 -16.80 1.61 15.99
C ASP B 32 -17.35 1.98 17.37
N ASP B 33 -17.39 1.00 18.27
CA ASP B 33 -17.83 1.23 19.66
C ASP B 33 -16.75 1.92 20.49
N CYS B 34 -15.50 1.88 20.02
CA CYS B 34 -14.38 2.35 20.80
C CYS B 34 -13.22 2.82 19.91
#